data_7B1U
#
_entry.id   7B1U
#
_cell.length_a   57.418
_cell.length_b   57.418
_cell.length_c   159.222
_cell.angle_alpha   90.000
_cell.angle_beta   90.000
_cell.angle_gamma   120.000
#
_symmetry.space_group_name_H-M   'P 32 2 1'
#
loop_
_entity.id
_entity.type
_entity.pdbx_description
1 polymer 'Chaperone protein IpgC'
2 non-polymer 'CHLORIDE ION'
3 non-polymer 'DIMETHYL SULFOXIDE'
4 non-polymer 3-[3,4-bis(fluoranyl)phenyl]-1,4,6,7-tetrahydroimidazo[2,1-c][1,2,4]triazine
5 non-polymer DI(HYDROXYETHYL)ETHER
6 non-polymer 'MAGNESIUM ION'
7 water water
#
_entity_poly.entity_id   1
_entity_poly.type   'polypeptide(L)'
_entity_poly.pdbx_seq_one_letter_code
;GSISTAVIDAINSGATLKDINAIPDDMMDDIYSYAYDFYNKGRIEEAEVFFRFLCIYDFYNVDYIMGLAAIYQIKEQFQQ
AADLYAVAFALGKNDYTPVFHTGQCQLRLKAPLKAKECFELVIQHSNDEKLKIKAQSYLDAIQ
;
_entity_poly.pdbx_strand_id   A,B
#
# COMPACT_ATOMS: atom_id res chain seq x y z
N THR A 16 -9.86 -4.27 14.60
CA THR A 16 -10.83 -4.82 13.66
C THR A 16 -11.81 -5.76 14.36
N LEU A 17 -12.93 -6.05 13.70
CA LEU A 17 -13.84 -7.08 14.19
C LEU A 17 -13.17 -8.44 14.19
N LYS A 18 -12.26 -8.66 13.25
CA LYS A 18 -11.51 -9.91 13.21
C LYS A 18 -10.67 -10.08 14.47
N ASP A 19 -10.09 -8.99 14.98
CA ASP A 19 -9.25 -9.06 16.18
C ASP A 19 -10.00 -9.63 17.36
N ILE A 20 -11.31 -9.42 17.45
CA ILE A 20 -12.11 -9.92 18.57
C ILE A 20 -12.91 -11.16 18.19
N ASN A 21 -12.63 -11.75 17.02
CA ASN A 21 -13.28 -12.98 16.57
C ASN A 21 -14.81 -12.88 16.66
N ALA A 22 -15.35 -11.82 16.05
CA ALA A 22 -16.77 -11.53 16.16
C ALA A 22 -17.63 -12.50 15.35
N ILE A 23 -17.05 -13.13 14.32
CA ILE A 23 -17.71 -14.10 13.46
C ILE A 23 -16.73 -15.27 13.29
N PRO A 24 -17.18 -16.53 13.35
CA PRO A 24 -16.22 -17.64 13.25
C PRO A 24 -15.49 -17.64 11.91
N ASP A 25 -14.30 -18.27 11.93
CA ASP A 25 -13.44 -18.31 10.75
C ASP A 25 -14.13 -18.98 9.56
N ASP A 26 -14.77 -20.13 9.80
CA ASP A 26 -15.42 -20.87 8.72
C ASP A 26 -16.55 -20.05 8.12
N MET A 27 -17.28 -19.29 8.94
CA MET A 27 -18.35 -18.45 8.41
C MET A 27 -17.79 -17.32 7.56
N MET A 28 -16.67 -16.74 7.97
CA MET A 28 -16.03 -15.72 7.14
C MET A 28 -15.59 -16.29 5.79
N ASP A 29 -15.05 -17.53 5.77
CA ASP A 29 -14.70 -18.16 4.50
C ASP A 29 -15.93 -18.29 3.62
N ASP A 30 -17.05 -18.68 4.20
CA ASP A 30 -18.28 -18.82 3.42
C ASP A 30 -18.67 -17.48 2.80
N ILE A 31 -18.61 -16.41 3.60
CA ILE A 31 -19.01 -15.09 3.11
C ILE A 31 -18.09 -14.63 1.99
N TYR A 32 -16.78 -14.88 2.12
CA TYR A 32 -15.86 -14.53 1.04
C TYR A 32 -16.20 -15.32 -0.23
N SER A 33 -16.51 -16.61 -0.08
CA SER A 33 -16.87 -17.42 -1.24
C SER A 33 -18.17 -16.95 -1.88
N TYR A 34 -19.14 -16.54 -1.06
CA TYR A 34 -20.38 -15.96 -1.59
C TYR A 34 -20.10 -14.65 -2.31
N ALA A 35 -19.25 -13.80 -1.73
CA ALA A 35 -18.86 -12.57 -2.41
C ALA A 35 -18.27 -12.86 -3.78
N TYR A 36 -17.41 -13.89 -3.88
CA TYR A 36 -16.81 -14.22 -5.16
C TYR A 36 -17.83 -14.82 -6.12
N ASP A 37 -18.79 -15.59 -5.60
CA ASP A 37 -19.88 -16.09 -6.44
C ASP A 37 -20.65 -14.94 -7.08
N PHE A 38 -21.05 -13.95 -6.27
CA PHE A 38 -21.73 -12.78 -6.82
C PHE A 38 -20.87 -12.10 -7.89
N TYR A 39 -19.58 -11.95 -7.60
CA TYR A 39 -18.66 -11.33 -8.54
C TYR A 39 -18.62 -12.10 -9.85
N ASN A 40 -18.47 -13.43 -9.77
CA ASN A 40 -18.36 -14.25 -10.98
C ASN A 40 -19.64 -14.25 -11.79
N LYS A 41 -20.78 -14.05 -11.14
CA LYS A 41 -22.07 -14.02 -11.82
C LYS A 41 -22.45 -12.63 -12.31
N GLY A 42 -21.58 -11.63 -12.15
CA GLY A 42 -21.92 -10.32 -12.62
C GLY A 42 -22.87 -9.55 -11.73
N ARG A 43 -23.12 -10.08 -10.52
CA ARG A 43 -24.00 -9.43 -9.55
C ARG A 43 -23.14 -8.42 -8.77
N ILE A 44 -22.80 -7.32 -9.46
CA ILE A 44 -21.79 -6.42 -8.95
C ILE A 44 -22.27 -5.67 -7.71
N GLU A 45 -23.53 -5.22 -7.72
N GLU A 45 -23.53 -5.22 -7.70
CA GLU A 45 -24.05 -4.49 -6.57
CA GLU A 45 -24.00 -4.48 -6.53
C GLU A 45 -23.96 -5.34 -5.29
C GLU A 45 -23.96 -5.35 -5.27
N GLU A 46 -24.35 -6.62 -5.39
CA GLU A 46 -24.30 -7.53 -4.26
C GLU A 46 -22.86 -7.87 -3.86
N ALA A 47 -22.01 -8.12 -4.85
CA ALA A 47 -20.60 -8.36 -4.53
C ALA A 47 -19.99 -7.16 -3.81
N GLU A 48 -20.35 -5.96 -4.23
CA GLU A 48 -19.82 -4.76 -3.58
C GLU A 48 -20.24 -4.69 -2.11
N VAL A 49 -21.51 -4.98 -1.82
CA VAL A 49 -21.96 -5.02 -0.44
C VAL A 49 -21.13 -6.02 0.35
N PHE A 50 -20.96 -7.23 -0.22
CA PHE A 50 -20.27 -8.30 0.48
C PHE A 50 -18.80 -8.00 0.68
N PHE A 51 -18.13 -7.43 -0.34
CA PHE A 51 -16.72 -7.09 -0.14
C PHE A 51 -16.57 -5.89 0.80
N ARG A 52 -17.49 -4.93 0.78
CA ARG A 52 -17.43 -3.88 1.79
C ARG A 52 -17.59 -4.48 3.18
N PHE A 53 -18.53 -5.41 3.34
CA PHE A 53 -18.72 -6.08 4.63
C PHE A 53 -17.43 -6.74 5.08
N LEU A 54 -16.78 -7.50 4.19
CA LEU A 54 -15.52 -8.17 4.51
C LEU A 54 -14.45 -7.17 4.91
N CYS A 55 -14.34 -6.05 4.19
CA CYS A 55 -13.30 -5.08 4.51
C CYS A 55 -13.59 -4.33 5.79
N ILE A 56 -14.87 -4.19 6.18
CA ILE A 56 -15.18 -3.61 7.48
C ILE A 56 -14.76 -4.59 8.56
N TYR A 57 -14.99 -5.87 8.32
CA TYR A 57 -14.66 -6.91 9.30
C TYR A 57 -13.15 -7.02 9.49
N ASP A 58 -12.38 -6.96 8.41
CA ASP A 58 -10.92 -7.09 8.54
C ASP A 58 -10.27 -6.23 7.45
N PHE A 59 -10.01 -4.97 7.80
CA PHE A 59 -9.35 -4.05 6.87
C PHE A 59 -7.95 -4.52 6.51
N TYR A 60 -7.34 -5.41 7.28
CA TYR A 60 -5.98 -5.83 6.99
C TYR A 60 -5.89 -7.16 6.23
N ASN A 61 -6.96 -7.57 5.55
CA ASN A 61 -6.97 -8.83 4.81
C ASN A 61 -6.80 -8.46 3.34
N VAL A 62 -5.66 -8.86 2.77
N VAL A 62 -5.64 -8.83 2.78
CA VAL A 62 -5.31 -8.41 1.43
CA VAL A 62 -5.31 -8.42 1.41
C VAL A 62 -6.31 -8.91 0.40
C VAL A 62 -6.35 -8.89 0.43
N ASP A 63 -6.80 -10.14 0.56
CA ASP A 63 -7.74 -10.68 -0.43
C ASP A 63 -9.09 -9.99 -0.34
N TYR A 64 -9.49 -9.59 0.87
CA TYR A 64 -10.72 -8.81 1.01
C TYR A 64 -10.59 -7.46 0.31
N ILE A 65 -9.46 -6.78 0.54
N ILE A 65 -9.45 -6.78 0.53
CA ILE A 65 -9.20 -5.49 -0.12
CA ILE A 65 -9.19 -5.50 -0.11
C ILE A 65 -9.16 -5.65 -1.63
C ILE A 65 -9.14 -5.65 -1.63
N MET A 66 -8.44 -6.68 -2.12
CA MET A 66 -8.36 -6.89 -3.56
C MET A 66 -9.73 -7.11 -4.18
N GLY A 67 -10.65 -7.75 -3.45
CA GLY A 67 -11.98 -7.97 -3.99
C GLY A 67 -12.73 -6.67 -4.16
N LEU A 68 -12.68 -5.81 -3.15
CA LEU A 68 -13.34 -4.53 -3.25
C LEU A 68 -12.69 -3.65 -4.30
N ALA A 69 -11.35 -3.70 -4.40
CA ALA A 69 -10.65 -2.94 -5.42
C ALA A 69 -11.06 -3.40 -6.82
N ALA A 70 -11.23 -4.71 -6.99
CA ALA A 70 -11.67 -5.24 -8.28
C ALA A 70 -13.04 -4.72 -8.65
N ILE A 71 -13.95 -4.66 -7.66
CA ILE A 71 -15.29 -4.13 -7.90
C ILE A 71 -15.21 -2.68 -8.34
N TYR A 72 -14.39 -1.89 -7.65
CA TYR A 72 -14.28 -0.49 -8.04
C TYR A 72 -13.70 -0.35 -9.44
N GLN A 73 -12.73 -1.19 -9.78
CA GLN A 73 -12.17 -1.14 -11.12
C GLN A 73 -13.22 -1.48 -12.17
N ILE A 74 -14.00 -2.54 -11.93
CA ILE A 74 -15.07 -2.92 -12.85
C ILE A 74 -16.07 -1.77 -13.03
N LYS A 75 -16.38 -1.07 -11.95
CA LYS A 75 -17.30 0.07 -12.00
C LYS A 75 -16.64 1.32 -12.58
N GLU A 76 -15.39 1.23 -13.02
CA GLU A 76 -14.64 2.35 -13.61
C GLU A 76 -14.43 3.47 -12.60
N GLN A 77 -14.36 3.12 -11.32
CA GLN A 77 -13.89 4.02 -10.28
C GLN A 77 -12.38 3.77 -10.11
N PHE A 78 -11.63 4.26 -11.10
CA PHE A 78 -10.24 3.80 -11.27
C PHE A 78 -9.33 4.35 -10.18
N GLN A 79 -9.56 5.58 -9.74
CA GLN A 79 -8.74 6.12 -8.69
C GLN A 79 -9.02 5.43 -7.36
N GLN A 80 -10.31 5.19 -7.06
CA GLN A 80 -10.67 4.46 -5.85
C GLN A 80 -10.03 3.07 -5.84
N ALA A 81 -10.05 2.40 -6.99
CA ALA A 81 -9.41 1.08 -7.11
C ALA A 81 -7.91 1.17 -6.87
N ALA A 82 -7.25 2.13 -7.52
CA ALA A 82 -5.81 2.28 -7.36
C ALA A 82 -5.44 2.57 -5.92
N ASP A 83 -6.24 3.38 -5.23
CA ASP A 83 -5.99 3.67 -3.82
C ASP A 83 -6.02 2.40 -2.99
N LEU A 84 -7.02 1.54 -3.22
CA LEU A 84 -7.08 0.29 -2.47
C LEU A 84 -5.95 -0.66 -2.87
N TYR A 85 -5.60 -0.70 -4.16
CA TYR A 85 -4.49 -1.55 -4.59
C TYR A 85 -3.19 -1.17 -3.90
N ALA A 86 -3.00 0.12 -3.60
CA ALA A 86 -1.78 0.53 -2.90
C ALA A 86 -1.72 -0.08 -1.51
N VAL A 87 -2.85 -0.05 -0.79
CA VAL A 87 -2.91 -0.70 0.51
C VAL A 87 -2.69 -2.21 0.38
N ALA A 88 -3.39 -2.84 -0.57
CA ALA A 88 -3.25 -4.28 -0.75
C ALA A 88 -1.80 -4.66 -1.03
N PHE A 89 -1.12 -3.89 -1.88
CA PHE A 89 0.29 -4.18 -2.13
C PHE A 89 1.10 -4.12 -0.85
N ALA A 90 0.88 -3.05 -0.07
CA ALA A 90 1.69 -2.82 1.12
C ALA A 90 1.53 -3.94 2.13
N LEU A 91 0.30 -4.40 2.34
CA LEU A 91 0.07 -5.43 3.36
C LEU A 91 0.67 -6.76 2.93
N GLY A 92 0.64 -7.09 1.65
CA GLY A 92 1.16 -8.37 1.22
C GLY A 92 2.66 -8.36 0.93
N LYS A 93 3.25 -7.17 0.78
CA LYS A 93 4.67 -6.91 0.49
C LYS A 93 5.25 -7.47 -0.80
N ASN A 94 4.97 -8.74 -1.13
CA ASN A 94 5.66 -9.43 -2.23
C ASN A 94 4.76 -9.82 -3.38
N ASP A 95 3.47 -9.44 -3.36
CA ASP A 95 2.54 -9.81 -4.42
C ASP A 95 2.33 -8.58 -5.32
N TYR A 96 2.76 -8.69 -6.58
CA TYR A 96 2.69 -7.54 -7.48
C TYR A 96 1.40 -7.49 -8.29
N THR A 97 0.46 -8.41 -8.02
CA THR A 97 -0.83 -8.35 -8.71
C THR A 97 -1.53 -7.00 -8.50
N PRO A 98 -1.61 -6.44 -7.29
CA PRO A 98 -2.19 -5.09 -7.16
C PRO A 98 -1.45 -4.02 -7.96
N VAL A 99 -0.14 -4.18 -8.15
CA VAL A 99 0.62 -3.21 -8.93
C VAL A 99 0.25 -3.32 -10.41
N PHE A 100 0.07 -4.54 -10.89
CA PHE A 100 -0.41 -4.77 -12.26
C PHE A 100 -1.77 -4.11 -12.49
N HIS A 101 -2.71 -4.31 -11.57
CA HIS A 101 -4.03 -3.71 -11.78
C HIS A 101 -3.98 -2.19 -11.66
N THR A 102 -3.11 -1.65 -10.79
CA THR A 102 -2.91 -0.20 -10.75
C THR A 102 -2.43 0.32 -12.09
N GLY A 103 -1.53 -0.42 -12.75
CA GLY A 103 -1.11 0.01 -14.07
C GLY A 103 -2.28 0.09 -15.05
N GLN A 104 -3.19 -0.88 -14.99
CA GLN A 104 -4.38 -0.81 -15.83
C GLN A 104 -5.20 0.43 -15.49
N CYS A 105 -5.40 0.67 -14.19
CA CYS A 105 -6.14 1.86 -13.75
C CYS A 105 -5.49 3.13 -14.26
N GLN A 106 -4.15 3.22 -14.18
CA GLN A 106 -3.49 4.44 -14.63
C GLN A 106 -3.69 4.68 -16.12
N LEU A 107 -3.67 3.61 -16.93
CA LEU A 107 -3.97 3.76 -18.35
C LEU A 107 -5.36 4.33 -18.56
N ARG A 108 -6.34 3.88 -17.77
CA ARG A 108 -7.69 4.38 -17.91
C ARG A 108 -7.81 5.83 -17.43
N LEU A 109 -6.95 6.24 -16.50
CA LEU A 109 -6.89 7.60 -15.99
C LEU A 109 -6.03 8.52 -16.85
N LYS A 110 -5.59 8.04 -18.01
CA LYS A 110 -4.79 8.84 -18.95
C LYS A 110 -3.46 9.25 -18.33
N ALA A 111 -2.84 8.32 -17.60
CA ALA A 111 -1.55 8.53 -16.94
C ALA A 111 -0.60 7.43 -17.42
N PRO A 112 -0.23 7.44 -18.72
CA PRO A 112 0.55 6.32 -19.26
C PRO A 112 1.95 6.18 -18.70
N LEU A 113 2.58 7.27 -18.28
CA LEU A 113 3.93 7.16 -17.70
C LEU A 113 3.87 6.51 -16.32
N LYS A 114 2.83 6.83 -15.54
CA LYS A 114 2.62 6.13 -14.28
C LYS A 114 2.32 4.66 -14.52
N ALA A 115 1.49 4.36 -15.52
CA ALA A 115 1.19 2.96 -15.84
C ALA A 115 2.46 2.22 -16.22
N LYS A 116 3.30 2.83 -17.05
CA LYS A 116 4.55 2.18 -17.45
C LYS A 116 5.38 1.81 -16.24
N GLU A 117 5.50 2.74 -15.29
CA GLU A 117 6.26 2.46 -14.07
C GLU A 117 5.69 1.27 -13.31
N CYS A 118 4.36 1.18 -13.24
CA CYS A 118 3.73 0.04 -12.57
C CYS A 118 4.07 -1.26 -13.26
N PHE A 119 3.89 -1.32 -14.57
CA PHE A 119 4.17 -2.58 -15.28
C PHE A 119 5.65 -2.91 -15.21
N GLU A 120 6.51 -1.90 -15.26
CA GLU A 120 7.94 -2.16 -15.11
C GLU A 120 8.26 -2.72 -13.74
N LEU A 121 7.58 -2.23 -12.69
CA LEU A 121 7.84 -2.75 -11.35
C LEU A 121 7.46 -4.21 -11.25
N VAL A 122 6.33 -4.60 -11.85
CA VAL A 122 5.93 -6.00 -11.89
C VAL A 122 7.03 -6.84 -12.54
N ILE A 123 7.50 -6.41 -13.71
N ILE A 123 7.54 -6.40 -13.69
CA ILE A 123 8.53 -7.14 -14.45
CA ILE A 123 8.52 -7.21 -14.42
C ILE A 123 9.79 -7.29 -13.60
C ILE A 123 9.85 -7.26 -13.67
N GLN A 124 10.20 -6.20 -12.95
CA GLN A 124 11.48 -6.18 -12.26
C GLN A 124 11.47 -6.99 -10.96
N HIS A 125 10.33 -7.04 -10.25
CA HIS A 125 10.31 -7.63 -8.92
C HIS A 125 9.52 -8.91 -8.80
N SER A 126 8.52 -9.14 -9.66
CA SER A 126 7.63 -10.28 -9.45
C SER A 126 8.29 -11.59 -9.85
N ASN A 127 7.97 -12.65 -9.11
CA ASN A 127 8.34 -14.01 -9.45
C ASN A 127 7.21 -14.79 -10.10
N ASP A 128 6.08 -14.12 -10.38
CA ASP A 128 4.89 -14.71 -10.99
C ASP A 128 5.03 -14.55 -12.50
N GLU A 129 5.43 -15.64 -13.17
CA GLU A 129 5.72 -15.56 -14.60
C GLU A 129 4.48 -15.23 -15.42
N LYS A 130 3.33 -15.79 -15.06
CA LYS A 130 2.11 -15.48 -15.81
C LYS A 130 1.74 -14.01 -15.66
N LEU A 131 1.88 -13.47 -14.45
CA LEU A 131 1.62 -12.05 -14.23
C LEU A 131 2.58 -11.19 -15.04
N LYS A 132 3.86 -11.57 -15.11
CA LYS A 132 4.83 -10.77 -15.84
C LYS A 132 4.55 -10.79 -17.35
N ILE A 133 4.06 -11.91 -17.87
CA ILE A 133 3.67 -11.98 -19.27
C ILE A 133 2.57 -10.95 -19.57
N LYS A 134 1.57 -10.88 -18.69
CA LYS A 134 0.51 -9.88 -18.86
C LYS A 134 1.06 -8.47 -18.76
N ALA A 135 1.93 -8.22 -17.78
CA ALA A 135 2.49 -6.87 -17.64
C ALA A 135 3.28 -6.48 -18.88
N GLN A 136 4.03 -7.43 -19.45
CA GLN A 136 4.82 -7.12 -20.64
C GLN A 136 3.92 -6.81 -21.83
N SER A 137 2.79 -7.50 -21.96
CA SER A 137 1.88 -7.21 -23.06
C SER A 137 1.36 -5.79 -22.98
N TYR A 138 1.12 -5.29 -21.76
CA TYR A 138 0.71 -3.90 -21.62
C TYR A 138 1.86 -2.95 -21.93
N LEU A 139 3.07 -3.23 -21.41
CA LEU A 139 4.22 -2.39 -21.72
C LEU A 139 4.48 -2.31 -23.22
N ASP A 140 4.38 -3.45 -23.92
CA ASP A 140 4.64 -3.46 -25.36
C ASP A 140 3.72 -2.50 -26.10
N ALA A 141 2.48 -2.33 -25.62
CA ALA A 141 1.48 -1.51 -26.27
C ALA A 141 1.57 -0.04 -25.91
N ILE A 142 2.24 0.29 -24.80
CA ILE A 142 2.36 1.68 -24.38
C ILE A 142 3.23 2.44 -25.38
N GLN A 143 2.74 3.60 -25.82
CA GLN A 143 3.45 4.40 -26.80
C GLN A 143 4.60 5.17 -26.16
N GLY B 1 -5.31 3.08 12.78
CA GLY B 1 -4.14 3.77 12.27
C GLY B 1 -4.36 4.38 10.89
N SER B 2 -3.27 4.87 10.30
N SER B 2 -3.27 4.86 10.29
CA SER B 2 -3.35 5.51 8.98
CA SER B 2 -3.37 5.52 9.00
C SER B 2 -3.93 4.57 7.94
C SER B 2 -3.90 4.58 7.91
N ILE B 3 -3.52 3.30 7.96
CA ILE B 3 -3.97 2.35 6.95
C ILE B 3 -5.45 2.07 7.12
N SER B 4 -5.90 1.83 8.35
CA SER B 4 -7.33 1.59 8.60
C SER B 4 -8.17 2.78 8.14
N THR B 5 -7.68 4.00 8.38
CA THR B 5 -8.39 5.19 7.91
C THR B 5 -8.52 5.18 6.39
N ALA B 6 -7.42 4.87 5.68
CA ALA B 6 -7.45 4.81 4.23
C ALA B 6 -8.45 3.78 3.73
N VAL B 7 -8.52 2.62 4.39
CA VAL B 7 -9.45 1.60 3.92
C VAL B 7 -10.90 2.01 4.21
N ILE B 8 -11.16 2.58 5.39
CA ILE B 8 -12.52 3.03 5.70
C ILE B 8 -12.97 4.09 4.71
N ASP B 9 -12.10 5.07 4.44
CA ASP B 9 -12.38 6.08 3.42
C ASP B 9 -12.78 5.42 2.11
N ALA B 10 -12.04 4.38 1.71
CA ALA B 10 -12.30 3.69 0.45
C ALA B 10 -13.61 2.92 0.49
N ILE B 11 -13.89 2.23 1.60
CA ILE B 11 -15.15 1.50 1.74
C ILE B 11 -16.34 2.45 1.64
N ASN B 12 -16.29 3.54 2.41
CA ASN B 12 -17.44 4.45 2.47
C ASN B 12 -17.55 5.29 1.22
N SER B 13 -16.45 5.49 0.50
CA SER B 13 -16.43 6.15 -0.81
C SER B 13 -17.08 7.52 -0.80
N GLY B 14 -17.23 8.11 0.38
CA GLY B 14 -17.82 9.43 0.49
C GLY B 14 -16.82 10.51 0.16
N ALA B 15 -17.31 11.76 0.22
CA ALA B 15 -16.45 12.90 0.00
C ALA B 15 -15.42 13.00 1.13
N THR B 16 -14.15 12.94 0.77
CA THR B 16 -13.07 13.11 1.72
C THR B 16 -12.68 14.58 1.82
N LEU B 17 -11.89 14.91 2.85
CA LEU B 17 -11.39 16.27 2.97
C LEU B 17 -10.52 16.67 1.79
N LYS B 18 -9.72 15.73 1.27
CA LYS B 18 -8.89 16.05 0.10
C LYS B 18 -9.74 16.25 -1.15
N ASP B 19 -10.76 15.42 -1.33
CA ASP B 19 -11.61 15.51 -2.52
C ASP B 19 -12.25 16.90 -2.64
N ILE B 20 -12.49 17.57 -1.52
CA ILE B 20 -13.09 18.89 -1.52
C ILE B 20 -12.05 19.99 -1.34
N ASN B 21 -10.76 19.66 -1.46
CA ASN B 21 -9.67 20.62 -1.32
C ASN B 21 -9.80 21.42 -0.02
N ALA B 22 -9.93 20.70 1.09
CA ALA B 22 -10.20 21.33 2.36
C ALA B 22 -9.00 22.08 2.93
N ILE B 23 -7.78 21.70 2.55
CA ILE B 23 -6.61 22.41 3.03
C ILE B 23 -5.66 22.63 1.86
N PRO B 24 -5.25 23.87 1.61
CA PRO B 24 -4.40 24.16 0.45
C PRO B 24 -3.02 23.53 0.57
N ASP B 25 -2.37 23.39 -0.59
CA ASP B 25 -1.03 22.81 -0.64
C ASP B 25 -0.07 23.57 0.27
N ASP B 26 -0.12 24.91 0.23
CA ASP B 26 0.81 25.72 1.01
C ASP B 26 0.66 25.47 2.50
N MET B 27 -0.59 25.30 2.96
CA MET B 27 -0.81 25.00 4.37
C MET B 27 -0.34 23.60 4.73
N MET B 28 -0.59 22.63 3.84
CA MET B 28 -0.08 21.28 4.07
C MET B 28 1.44 21.28 4.16
N ASP B 29 2.10 22.06 3.29
CA ASP B 29 3.56 22.18 3.36
C ASP B 29 4.00 22.75 4.69
N ASP B 30 3.30 23.77 5.19
CA ASP B 30 3.64 24.35 6.49
C ASP B 30 3.50 23.32 7.60
N ILE B 31 2.39 22.57 7.61
CA ILE B 31 2.15 21.60 8.66
C ILE B 31 3.21 20.50 8.62
N TYR B 32 3.61 20.08 7.41
CA TYR B 32 4.68 19.12 7.26
C TYR B 32 5.98 19.64 7.87
N SER B 33 6.31 20.92 7.63
CA SER B 33 7.52 21.48 8.21
C SER B 33 7.44 21.54 9.73
N TYR B 34 6.24 21.84 10.25
CA TYR B 34 6.03 21.83 11.70
C TYR B 34 6.20 20.44 12.27
N ALA B 35 5.67 19.42 11.57
CA ALA B 35 5.85 18.05 12.02
C ALA B 35 7.33 17.72 12.20
N TYR B 36 8.16 18.13 11.24
CA TYR B 36 9.59 17.85 11.36
C TYR B 36 10.26 18.75 12.39
N ASP B 37 9.76 19.97 12.60
CA ASP B 37 10.28 20.76 13.72
C ASP B 37 10.13 19.98 15.02
N PHE B 38 8.94 19.43 15.27
CA PHE B 38 8.73 18.59 16.45
C PHE B 38 9.66 17.39 16.43
N TYR B 39 9.73 16.68 15.30
CA TYR B 39 10.53 15.47 15.20
C TYR B 39 11.99 15.76 15.47
N ASN B 40 12.53 16.80 14.84
CA ASN B 40 13.95 17.12 14.96
C ASN B 40 14.34 17.48 16.38
N LYS B 41 13.39 17.98 17.18
CA LYS B 41 13.63 18.35 18.57
C LYS B 41 13.40 17.19 19.54
N GLY B 42 13.09 16.00 19.04
CA GLY B 42 12.81 14.85 19.86
C GLY B 42 11.40 14.78 20.39
N ARG B 43 10.53 15.68 19.93
CA ARG B 43 9.11 15.69 20.34
C ARG B 43 8.34 14.72 19.44
N ILE B 44 8.64 13.43 19.63
CA ILE B 44 8.17 12.41 18.69
C ILE B 44 6.65 12.24 18.78
N GLU B 45 6.08 12.44 19.97
CA GLU B 45 4.64 12.26 20.13
C GLU B 45 3.85 13.32 19.37
N GLU B 46 4.28 14.59 19.46
CA GLU B 46 3.62 15.63 18.68
C GLU B 46 3.84 15.42 17.19
N ALA B 47 5.08 15.07 16.80
CA ALA B 47 5.33 14.79 15.39
C ALA B 47 4.42 13.68 14.88
N GLU B 48 4.20 12.64 15.69
CA GLU B 48 3.36 11.55 15.26
C GLU B 48 1.93 12.01 15.00
N VAL B 49 1.39 12.85 15.90
CA VAL B 49 0.07 13.43 15.68
C VAL B 49 0.04 14.21 14.39
N PHE B 50 1.05 15.05 14.14
CA PHE B 50 1.04 15.87 12.95
C PHE B 50 1.17 15.01 11.69
N PHE B 51 2.00 13.97 11.71
CA PHE B 51 2.07 13.11 10.54
C PHE B 51 0.80 12.28 10.37
N ARG B 52 0.16 11.85 11.48
CA ARG B 52 -1.14 11.19 11.37
C ARG B 52 -2.18 12.12 10.75
N PHE B 53 -2.16 13.39 11.17
CA PHE B 53 -3.05 14.39 10.58
C PHE B 53 -2.81 14.51 9.09
N LEU B 54 -1.54 14.63 8.69
CA LEU B 54 -1.22 14.72 7.26
C LEU B 54 -1.71 13.48 6.53
N CYS B 55 -1.53 12.30 7.13
CA CYS B 55 -1.91 11.06 6.44
C CYS B 55 -3.41 10.87 6.41
N ILE B 56 -4.16 11.48 7.33
CA ILE B 56 -5.62 11.46 7.20
C ILE B 56 -6.05 12.32 6.02
N TYR B 57 -5.42 13.49 5.84
CA TYR B 57 -5.80 14.36 4.74
C TYR B 57 -5.37 13.82 3.38
N ASP B 58 -4.15 13.29 3.28
CA ASP B 58 -3.57 12.86 2.00
C ASP B 58 -2.68 11.65 2.31
N PHE B 59 -3.32 10.48 2.45
CA PHE B 59 -2.59 9.27 2.77
C PHE B 59 -1.61 8.87 1.67
N TYR B 60 -1.91 9.21 0.42
CA TYR B 60 -1.16 8.73 -0.73
C TYR B 60 -0.05 9.69 -1.12
N ASN B 61 0.62 10.24 -0.10
CA ASN B 61 1.75 11.17 -0.23
C ASN B 61 3.00 10.53 0.35
N VAL B 62 4.03 10.33 -0.48
N VAL B 62 4.02 10.34 -0.49
CA VAL B 62 5.21 9.58 -0.04
CA VAL B 62 5.22 9.59 -0.07
C VAL B 62 5.89 10.26 1.14
C VAL B 62 5.90 10.27 1.11
N ASP B 63 5.91 11.60 1.14
CA ASP B 63 6.63 12.30 2.19
C ASP B 63 5.94 12.16 3.54
N TYR B 64 4.61 12.18 3.55
CA TYR B 64 3.88 12.02 4.80
C TYR B 64 4.05 10.60 5.32
N ILE B 65 3.91 9.61 4.44
CA ILE B 65 4.01 8.22 4.83
C ILE B 65 5.40 7.91 5.38
N MET B 66 6.46 8.38 4.70
CA MET B 66 7.83 8.12 5.16
C MET B 66 8.07 8.73 6.54
N GLY B 67 7.48 9.89 6.82
CA GLY B 67 7.67 10.50 8.13
C GLY B 67 7.04 9.68 9.23
N LEU B 68 5.83 9.20 8.99
CA LEU B 68 5.14 8.39 9.97
C LEU B 68 5.83 7.04 10.15
N ALA B 69 6.28 6.44 9.05
CA ALA B 69 6.97 5.16 9.12
C ALA B 69 8.23 5.26 9.97
N ALA B 70 8.97 6.37 9.81
CA ALA B 70 10.18 6.58 10.59
C ALA B 70 9.87 6.62 12.08
N ILE B 71 8.79 7.29 12.46
CA ILE B 71 8.43 7.38 13.86
C ILE B 71 8.13 5.99 14.43
N TYR B 72 7.35 5.20 13.70
CA TYR B 72 7.02 3.85 14.17
C TYR B 72 8.28 2.99 14.30
N GLN B 73 9.21 3.11 13.36
CA GLN B 73 10.44 2.33 13.48
C GLN B 73 11.21 2.72 14.73
N ILE B 74 11.32 4.03 15.00
CA ILE B 74 11.99 4.51 16.22
C ILE B 74 11.29 3.99 17.46
N LYS B 75 9.95 3.97 17.45
CA LYS B 75 9.18 3.47 18.58
C LYS B 75 9.13 1.95 18.66
N GLU B 76 9.82 1.25 17.76
CA GLU B 76 9.87 -0.21 17.72
C GLU B 76 8.48 -0.81 17.45
N GLN B 77 7.64 -0.06 16.75
CA GLN B 77 6.40 -0.61 16.17
C GLN B 77 6.72 -1.07 14.74
N PHE B 78 7.42 -2.19 14.68
CA PHE B 78 8.08 -2.58 13.43
C PHE B 78 7.09 -3.04 12.36
N GLN B 79 5.98 -3.69 12.75
CA GLN B 79 5.03 -4.09 11.72
C GLN B 79 4.33 -2.89 11.11
N GLN B 80 3.89 -1.93 11.94
CA GLN B 80 3.29 -0.72 11.39
C GLN B 80 4.28 0.03 10.51
N ALA B 81 5.54 0.11 10.94
CA ALA B 81 6.56 0.76 10.13
C ALA B 81 6.74 0.05 8.79
N ALA B 82 6.86 -1.28 8.81
CA ALA B 82 7.05 -2.02 7.55
C ALA B 82 5.88 -1.82 6.60
N ASP B 83 4.66 -1.85 7.14
CA ASP B 83 3.48 -1.67 6.29
C ASP B 83 3.51 -0.32 5.60
N LEU B 84 3.85 0.74 6.36
CA LEU B 84 3.91 2.07 5.77
C LEU B 84 5.07 2.23 4.80
N TYR B 85 6.25 1.66 5.11
CA TYR B 85 7.33 1.75 4.14
C TYR B 85 6.93 1.09 2.83
N ALA B 86 6.17 0.00 2.91
CA ALA B 86 5.70 -0.66 1.70
C ALA B 86 4.74 0.23 0.91
N VAL B 87 3.84 0.97 1.61
CA VAL B 87 3.02 1.95 0.91
C VAL B 87 3.90 2.98 0.21
N ALA B 88 4.87 3.52 0.94
CA ALA B 88 5.75 4.53 0.36
C ALA B 88 6.44 4.02 -0.89
N PHE B 89 6.92 2.77 -0.86
CA PHE B 89 7.57 2.23 -2.04
C PHE B 89 6.62 2.17 -3.23
N ALA B 90 5.39 1.68 -3.00
CA ALA B 90 4.43 1.57 -4.09
C ALA B 90 4.18 2.93 -4.72
N LEU B 91 4.07 3.97 -3.89
CA LEU B 91 3.83 5.30 -4.42
C LEU B 91 5.09 5.85 -5.10
N GLY B 92 6.26 5.65 -4.48
CA GLY B 92 7.56 6.05 -5.00
C GLY B 92 8.39 4.88 -5.51
N LYS B 93 7.99 4.34 -6.67
CA LYS B 93 8.56 3.15 -7.30
C LYS B 93 10.09 3.15 -7.45
N ASN B 94 10.74 4.31 -7.55
CA ASN B 94 12.15 4.32 -7.92
C ASN B 94 13.09 4.57 -6.75
N ASP B 95 12.59 4.72 -5.52
CA ASP B 95 13.41 4.93 -4.35
C ASP B 95 13.42 3.65 -3.51
N TYR B 96 14.59 3.03 -3.37
CA TYR B 96 14.68 1.78 -2.62
C TYR B 96 14.95 2.00 -1.14
N THR B 97 15.01 3.26 -0.69
CA THR B 97 15.15 3.52 0.75
C THR B 97 14.04 2.88 1.57
N PRO B 98 12.74 3.01 1.23
CA PRO B 98 11.73 2.31 2.04
C PRO B 98 11.88 0.80 2.02
N VAL B 99 12.40 0.23 0.93
CA VAL B 99 12.60 -1.21 0.90
C VAL B 99 13.71 -1.61 1.87
N PHE B 100 14.79 -0.83 1.90
CA PHE B 100 15.85 -1.06 2.88
C PHE B 100 15.29 -1.02 4.30
N HIS B 101 14.51 0.02 4.62
CA HIS B 101 13.98 0.07 5.97
C HIS B 101 12.97 -1.04 6.25
N THR B 102 12.18 -1.45 5.25
CA THR B 102 11.31 -2.61 5.46
C THR B 102 12.13 -3.84 5.84
N GLY B 103 13.28 -4.02 5.20
CA GLY B 103 14.14 -5.14 5.56
C GLY B 103 14.62 -5.08 6.99
N GLN B 104 14.98 -3.89 7.47
CA GLN B 104 15.36 -3.76 8.88
C GLN B 104 14.21 -4.17 9.78
N CYS B 105 13.00 -3.67 9.49
CA CYS B 105 11.83 -4.01 10.29
C CYS B 105 11.55 -5.51 10.27
N GLN B 106 11.66 -6.15 9.10
CA GLN B 106 11.38 -7.58 9.01
C GLN B 106 12.36 -8.38 9.86
N LEU B 107 13.62 -7.95 9.89
CA LEU B 107 14.61 -8.60 10.77
C LEU B 107 14.18 -8.50 12.23
N ARG B 108 13.69 -7.33 12.65
CA ARG B 108 13.25 -7.20 14.04
C ARG B 108 11.98 -7.99 14.31
N LEU B 109 11.18 -8.24 13.27
CA LEU B 109 9.97 -9.04 13.37
C LEU B 109 10.25 -10.54 13.27
N LYS B 110 11.52 -10.94 13.28
CA LYS B 110 11.92 -12.34 13.22
C LYS B 110 11.45 -13.00 11.92
N ALA B 111 11.56 -12.25 10.83
CA ALA B 111 11.20 -12.73 9.49
C ALA B 111 12.40 -12.56 8.57
N PRO B 112 13.47 -13.32 8.78
CA PRO B 112 14.70 -13.10 8.00
C PRO B 112 14.54 -13.36 6.52
N LEU B 113 13.63 -14.26 6.13
CA LEU B 113 13.45 -14.52 4.70
C LEU B 113 12.79 -13.34 4.00
N LYS B 114 11.84 -12.69 4.65
CA LYS B 114 11.29 -11.45 4.09
C LYS B 114 12.34 -10.34 4.06
N ALA B 115 13.14 -10.24 5.14
CA ALA B 115 14.19 -9.23 5.16
C ALA B 115 15.19 -9.46 4.05
N LYS B 116 15.61 -10.72 3.84
CA LYS B 116 16.56 -11.04 2.77
C LYS B 116 16.03 -10.59 1.42
N GLU B 117 14.75 -10.87 1.14
CA GLU B 117 14.15 -10.44 -0.12
C GLU B 117 14.23 -8.93 -0.27
N CYS B 118 13.98 -8.19 0.82
CA CYS B 118 14.08 -6.74 0.77
C CYS B 118 15.49 -6.28 0.42
N PHE B 119 16.49 -6.81 1.14
CA PHE B 119 17.85 -6.36 0.91
C PHE B 119 18.36 -6.76 -0.46
N GLU B 120 17.96 -7.93 -0.94
CA GLU B 120 18.33 -8.36 -2.29
C GLU B 120 17.72 -7.43 -3.35
N LEU B 121 16.49 -6.97 -3.12
CA LEU B 121 15.90 -6.03 -4.07
C LEU B 121 16.73 -4.76 -4.16
N VAL B 122 17.22 -4.27 -3.02
CA VAL B 122 18.04 -3.07 -3.02
C VAL B 122 19.29 -3.30 -3.86
N ILE B 123 19.97 -4.42 -3.63
CA ILE B 123 21.23 -4.71 -4.32
C ILE B 123 21.02 -4.78 -5.83
N GLN B 124 19.93 -5.43 -6.26
CA GLN B 124 19.73 -5.66 -7.68
C GLN B 124 19.21 -4.43 -8.41
N HIS B 125 18.43 -3.58 -7.74
CA HIS B 125 17.72 -2.53 -8.45
C HIS B 125 18.11 -1.10 -8.07
N SER B 126 18.66 -0.87 -6.89
CA SER B 126 18.94 0.51 -6.49
C SER B 126 20.19 1.01 -7.21
N ASN B 127 20.19 2.31 -7.52
CA ASN B 127 21.39 2.98 -8.04
C ASN B 127 22.10 3.78 -6.97
N ASP B 128 21.67 3.65 -5.72
CA ASP B 128 22.27 4.32 -4.57
C ASP B 128 23.36 3.40 -4.04
N GLU B 129 24.62 3.73 -4.35
CA GLU B 129 25.71 2.79 -4.02
C GLU B 129 25.89 2.63 -2.51
N LYS B 130 25.68 3.71 -1.75
CA LYS B 130 25.80 3.65 -0.29
C LYS B 130 24.67 2.83 0.32
N LEU B 131 23.45 2.97 -0.18
CA LEU B 131 22.35 2.14 0.29
C LEU B 131 22.65 0.66 0.02
N LYS B 132 23.27 0.37 -1.12
CA LYS B 132 23.58 -1.02 -1.47
C LYS B 132 24.58 -1.63 -0.50
N ILE B 133 25.61 -0.87 -0.09
CA ILE B 133 26.55 -1.38 0.90
C ILE B 133 25.85 -1.72 2.20
N LYS B 134 24.96 -0.83 2.65
CA LYS B 134 24.21 -1.08 3.88
C LYS B 134 23.36 -2.32 3.77
N ALA B 135 22.63 -2.48 2.66
CA ALA B 135 21.84 -3.69 2.46
C ALA B 135 22.72 -4.93 2.46
N GLN B 136 23.91 -4.86 1.85
CA GLN B 136 24.80 -6.01 1.82
C GLN B 136 25.28 -6.36 3.23
N SER B 137 25.52 -5.35 4.06
CA SER B 137 25.98 -5.63 5.43
C SER B 137 24.94 -6.41 6.21
N TYR B 138 23.66 -6.12 5.97
CA TYR B 138 22.61 -6.91 6.60
C TYR B 138 22.56 -8.31 6.00
N LEU B 139 22.65 -8.40 4.66
CA LEU B 139 22.65 -9.70 4.02
C LEU B 139 23.78 -10.58 4.56
N ASP B 140 24.97 -10.00 4.72
CA ASP B 140 26.12 -10.76 5.22
C ASP B 140 25.83 -11.35 6.60
N ALA B 141 25.02 -10.66 7.41
CA ALA B 141 24.74 -11.12 8.76
C ALA B 141 23.63 -12.14 8.84
N ILE B 142 22.76 -12.21 7.83
CA ILE B 142 21.64 -13.15 7.84
C ILE B 142 22.13 -14.59 7.66
#